data_3HFR
#
_entry.id   3HFR
#
_cell.length_a   66.651
_cell.length_b   66.651
_cell.length_c   257.990
_cell.angle_alpha   90.00
_cell.angle_beta   90.00
_cell.angle_gamma   90.00
#
_symmetry.space_group_name_H-M   'P 43 21 2'
#
loop_
_entity.id
_entity.type
_entity.pdbx_description
1 polymer 'Glutamate racemase'
2 non-polymer 'CHLORIDE ION'
3 non-polymer "O-(O-(2-AMINOPROPYL)-O'-(2-METHOXYETHYL)POLYPROPYLENE GLYCOL 500)"
4 water water
#
_entity_poly.entity_id   1
_entity_poly.type   'polypeptide(L)'
_entity_poly.pdbx_seq_one_letter_code
;SNA(MSE)KQAIGFIDSGVGGLTVVREVLKQLPHEQVYYLGDTARCPYGPRDKEEVAKFTWE(MSE)TNFLVDRGIK
(MSE)LVIACNTATAAALYDIREKLDIPVIGVIQPGSRAALKATRNNKIGVLGTLGTVES(MSE)AYPTALKGLNRRVEV
DSLACPKFVSVVESGEYKSAIAKKVVAESLLPLKSTKIDTVILGCTHYPLLKPIIENF(MSE)GDGVAVINSGEETASEV
SALLDYHNLLDATDEEIEHRFFTTGSTQIFKDIAKDWLN(MSE)PD(MSE)TVEHIKLGK
;
_entity_poly.pdbx_strand_id   A,B
#
loop_
_chem_comp.id
_chem_comp.type
_chem_comp.name
_chem_comp.formula
CL non-polymer 'CHLORIDE ION' 'Cl -1'
JEF non-polymer 'O-(O-(2-AMINOPROPYL)-O'-(2-METHOXYETHYL)POLYPROPYLENE GLYCOL 500)' 'C30 H63 N O10'
#
# COMPACT_ATOMS: atom_id res chain seq x y z
N ALA A 3 27.17 -12.90 -6.52
CA ALA A 3 26.12 -12.07 -7.16
C ALA A 3 25.69 -10.91 -6.24
N MSE A 4 25.33 -9.79 -6.85
CA MSE A 4 24.94 -8.58 -6.13
C MSE A 4 23.48 -8.59 -5.73
O MSE A 4 23.14 -8.01 -4.72
CB MSE A 4 25.20 -7.35 -6.99
CG MSE A 4 26.64 -7.23 -7.39
SE MSE A 4 26.99 -5.56 -8.27
CE MSE A 4 26.35 -5.99 -10.04
N LYS A 5 22.64 -9.21 -6.57
CA LYS A 5 21.20 -9.33 -6.28
C LYS A 5 20.96 -10.14 -5.01
N GLN A 6 20.21 -9.56 -4.08
CA GLN A 6 19.82 -10.25 -2.85
C GLN A 6 18.32 -10.55 -2.96
N ALA A 7 17.93 -11.77 -2.60
CA ALA A 7 16.52 -12.16 -2.69
C ALA A 7 15.66 -11.53 -1.61
N ILE A 8 14.40 -11.29 -1.96
CA ILE A 8 13.36 -11.19 -0.96
C ILE A 8 12.89 -12.61 -0.65
N GLY A 9 12.75 -12.90 0.63
CA GLY A 9 12.33 -14.23 1.08
C GLY A 9 10.84 -14.27 1.33
N PHE A 10 10.22 -15.41 1.04
CA PHE A 10 8.79 -15.64 1.35
C PHE A 10 8.68 -17.01 1.95
N ILE A 11 7.92 -17.14 3.04
CA ILE A 11 7.73 -18.43 3.69
C ILE A 11 6.26 -18.68 3.88
N ASP A 12 5.84 -19.95 3.82
CA ASP A 12 4.45 -20.36 3.90
C ASP A 12 4.35 -21.88 4.11
N SER A 13 3.20 -22.34 4.56
CA SER A 13 2.96 -23.78 4.76
C SER A 13 2.93 -24.58 3.45
N GLY A 14 2.71 -23.91 2.31
CA GLY A 14 2.72 -24.59 1.01
C GLY A 14 2.78 -23.64 -0.17
N VAL A 15 1.73 -23.67 -1.00
CA VAL A 15 1.63 -22.83 -2.17
C VAL A 15 0.95 -21.49 -1.91
N GLY A 16 0.36 -21.30 -0.73
CA GLY A 16 -0.34 -20.06 -0.41
C GLY A 16 0.46 -18.80 -0.71
N GLY A 17 1.70 -18.78 -0.27
CA GLY A 17 2.54 -17.59 -0.40
C GLY A 17 2.78 -17.18 -1.85
N LEU A 18 2.52 -18.08 -2.80
CA LEU A 18 2.58 -17.72 -4.20
C LEU A 18 1.61 -16.60 -4.57
N THR A 19 0.56 -16.41 -3.79
CA THR A 19 -0.38 -15.33 -4.05
C THR A 19 0.24 -13.97 -3.75
N VAL A 20 1.24 -13.91 -2.86
CA VAL A 20 2.01 -12.69 -2.66
C VAL A 20 3.08 -12.56 -3.74
N VAL A 21 3.78 -13.68 -4.01
CA VAL A 21 4.83 -13.71 -5.02
C VAL A 21 4.34 -13.23 -6.37
N ARG A 22 3.16 -13.66 -6.79
CA ARG A 22 2.63 -13.15 -8.06
C ARG A 22 2.60 -11.61 -8.13
N GLU A 23 2.15 -10.99 -7.06
CA GLU A 23 2.05 -9.53 -7.02
C GLU A 23 3.41 -8.86 -6.88
N VAL A 24 4.38 -9.53 -6.25
CA VAL A 24 5.74 -9.02 -6.24
C VAL A 24 6.38 -9.10 -7.62
N LEU A 25 6.12 -10.16 -8.37
CA LEU A 25 6.60 -10.29 -9.74
C LEU A 25 6.07 -9.15 -10.61
N LYS A 26 4.83 -8.73 -10.33
CA LYS A 26 4.20 -7.64 -11.07
C LYS A 26 4.77 -6.28 -10.69
N GLN A 27 4.76 -5.98 -9.39
CA GLN A 27 5.10 -4.64 -8.90
C GLN A 27 6.61 -4.36 -8.76
N LEU A 28 7.37 -5.43 -8.54
CA LEU A 28 8.81 -5.33 -8.35
C LEU A 28 9.56 -6.31 -9.27
N PRO A 29 9.44 -6.12 -10.60
CA PRO A 29 9.96 -7.07 -11.61
C PRO A 29 11.47 -7.31 -11.59
N HIS A 30 12.23 -6.42 -10.96
CA HIS A 30 13.70 -6.57 -10.92
C HIS A 30 14.17 -7.34 -9.71
N GLU A 31 13.24 -7.72 -8.84
CA GLU A 31 13.61 -8.32 -7.58
C GLU A 31 13.59 -9.84 -7.67
N GLN A 32 14.56 -10.46 -7.03
CA GLN A 32 14.70 -11.92 -7.04
C GLN A 32 13.95 -12.50 -5.85
N VAL A 33 13.23 -13.59 -6.09
CA VAL A 33 12.38 -14.23 -5.09
C VAL A 33 12.97 -15.57 -4.60
N TYR A 34 13.15 -15.72 -3.29
CA TYR A 34 13.41 -17.02 -2.67
C TYR A 34 12.17 -17.41 -1.86
N TYR A 35 11.57 -18.55 -2.21
CA TYR A 35 10.29 -18.99 -1.65
C TYR A 35 10.45 -20.33 -0.97
N LEU A 36 9.81 -20.51 0.19
CA LEU A 36 9.84 -21.78 0.88
C LEU A 36 8.44 -22.13 1.33
N GLY A 37 7.93 -23.25 0.83
CA GLY A 37 6.65 -23.81 1.23
C GLY A 37 6.87 -25.10 2.02
N ASP A 38 6.33 -25.15 3.24
CA ASP A 38 6.57 -26.29 4.10
C ASP A 38 5.49 -27.35 3.86
N THR A 39 5.40 -27.78 2.61
CA THR A 39 4.31 -28.65 2.15
C THR A 39 4.13 -29.90 3.01
N ALA A 40 5.22 -30.45 3.52
CA ALA A 40 5.16 -31.74 4.23
C ALA A 40 4.51 -31.65 5.61
N ARG A 41 4.47 -30.45 6.19
CA ARG A 41 3.86 -30.26 7.51
C ARG A 41 2.61 -29.39 7.40
N CYS A 42 2.13 -29.27 6.18
CA CYS A 42 0.84 -28.66 5.88
C CYS A 42 -0.18 -29.75 6.24
N PRO A 43 -1.29 -29.38 6.90
CA PRO A 43 -1.77 -28.02 7.18
C PRO A 43 -1.25 -27.45 8.51
N TYR A 44 -0.97 -26.15 8.52
CA TYR A 44 -0.58 -25.43 9.74
C TYR A 44 -1.82 -25.04 10.56
N GLY A 45 -2.97 -25.01 9.88
CA GLY A 45 -4.23 -24.55 10.47
C GLY A 45 -4.57 -25.06 11.86
N PRO A 46 -4.49 -26.37 12.09
CA PRO A 46 -4.86 -26.90 13.41
C PRO A 46 -3.73 -26.96 14.44
N ARG A 47 -2.56 -26.43 14.12
CA ARG A 47 -1.42 -26.54 15.05
C ARG A 47 -1.45 -25.43 16.10
N ASP A 48 -0.85 -25.69 17.27
CA ASP A 48 -0.78 -24.63 18.28
C ASP A 48 0.19 -23.53 17.88
N LYS A 49 0.03 -22.39 18.54
CA LYS A 49 0.82 -21.18 18.28
C LYS A 49 2.33 -21.41 18.43
N GLU A 50 2.71 -22.17 19.46
CA GLU A 50 4.11 -22.43 19.79
C GLU A 50 4.76 -23.21 18.64
N GLU A 51 4.10 -24.27 18.19
CA GLU A 51 4.64 -25.13 17.14
C GLU A 51 4.70 -24.40 15.81
N VAL A 52 3.71 -23.57 15.53
CA VAL A 52 3.67 -22.80 14.28
C VAL A 52 4.85 -21.85 14.25
N ALA A 53 5.13 -21.22 15.39
CA ALA A 53 6.25 -20.28 15.53
C ALA A 53 7.59 -21.00 15.37
N LYS A 54 7.69 -22.19 15.95
CA LYS A 54 8.89 -23.01 15.81
C LYS A 54 9.16 -23.31 14.33
N PHE A 55 8.12 -23.72 13.61
CA PHE A 55 8.24 -24.03 12.17
C PHE A 55 8.56 -22.78 11.37
N THR A 56 7.93 -21.67 11.71
CA THR A 56 8.18 -20.41 11.01
C THR A 56 9.65 -20.03 11.18
N TRP A 57 10.19 -20.23 12.38
CA TRP A 57 11.60 -20.01 12.62
C TRP A 57 12.52 -20.95 11.81
N GLU A 58 12.20 -22.22 11.74
CA GLU A 58 13.00 -23.13 10.89
C GLU A 58 13.03 -22.65 9.43
N MSE A 59 11.88 -22.18 8.94
N MSE A 59 11.87 -22.20 8.94
CA MSE A 59 11.78 -21.70 7.58
CA MSE A 59 11.75 -21.68 7.58
C MSE A 59 12.57 -20.39 7.41
C MSE A 59 12.58 -20.41 7.42
O MSE A 59 13.27 -20.20 6.41
O MSE A 59 13.32 -20.24 6.45
CB MSE A 59 10.32 -21.48 7.20
CB MSE A 59 10.29 -21.38 7.24
CG MSE A 59 9.57 -22.75 6.92
CG MSE A 59 9.33 -22.56 7.28
SE MSE A 59 8.07 -22.44 5.74
SE MSE A 59 7.63 -22.14 6.39
CE MSE A 59 6.85 -21.50 6.99
CE MSE A 59 8.08 -22.76 4.64
N THR A 60 12.44 -19.52 8.40
CA THR A 60 13.18 -18.26 8.43
C THR A 60 14.69 -18.49 8.43
N ASN A 61 15.18 -19.33 9.35
CA ASN A 61 16.60 -19.61 9.41
C ASN A 61 17.13 -20.21 8.11
N PHE A 62 16.30 -21.01 7.44
CA PHE A 62 16.71 -21.59 6.18
C PHE A 62 16.96 -20.50 5.13
N LEU A 63 16.03 -19.55 4.99
CA LEU A 63 16.19 -18.46 4.01
C LEU A 63 17.25 -17.41 4.38
N VAL A 64 17.36 -17.06 5.66
CA VAL A 64 18.44 -16.18 6.14
C VAL A 64 19.82 -16.78 5.81
N ASP A 65 19.96 -18.10 5.93
CA ASP A 65 21.20 -18.76 5.54
C ASP A 65 21.45 -18.65 4.02
N ARG A 66 20.41 -18.79 3.19
CA ARG A 66 20.58 -18.66 1.74
CA ARG A 66 20.56 -18.64 1.73
C ARG A 66 20.89 -17.21 1.35
N GLY A 67 20.47 -16.25 2.18
CA GLY A 67 20.78 -14.85 1.96
C GLY A 67 19.54 -14.11 1.49
N ILE A 68 18.93 -13.35 2.37
CA ILE A 68 17.80 -12.55 1.97
C ILE A 68 17.98 -11.15 2.59
N LYS A 69 17.48 -10.13 1.87
CA LYS A 69 17.53 -8.74 2.32
C LYS A 69 16.22 -8.30 3.00
N MSE A 70 15.24 -9.19 2.98
CA MSE A 70 13.91 -8.93 3.56
C MSE A 70 13.11 -10.24 3.65
O MSE A 70 13.32 -11.15 2.83
CB MSE A 70 13.15 -7.91 2.70
CG MSE A 70 11.67 -7.74 3.05
SE MSE A 70 10.93 -6.07 2.37
CE MSE A 70 9.27 -6.05 3.42
N LEU A 71 12.18 -10.30 4.60
CA LEU A 71 11.36 -11.49 4.77
C LEU A 71 9.86 -11.16 4.81
N VAL A 72 9.10 -11.87 3.98
CA VAL A 72 7.66 -11.80 4.02
C VAL A 72 7.14 -13.10 4.61
N ILE A 73 6.43 -13.01 5.73
CA ILE A 73 5.75 -14.18 6.28
C ILE A 73 4.43 -14.29 5.53
N ALA A 74 4.46 -15.06 4.44
CA ALA A 74 3.36 -15.09 3.46
C ALA A 74 2.30 -16.13 3.84
N CYS A 75 1.94 -16.13 5.12
CA CYS A 75 1.10 -17.14 5.74
C CYS A 75 0.43 -16.49 6.94
N ASN A 76 -0.88 -16.60 7.02
CA ASN A 76 -1.60 -15.87 8.06
C ASN A 76 -1.36 -16.37 9.48
N THR A 77 -1.38 -17.68 9.67
CA THR A 77 -1.21 -18.23 11.01
C THR A 77 0.24 -18.05 11.47
N ALA A 78 1.19 -18.09 10.54
CA ALA A 78 2.59 -17.81 10.87
C ALA A 78 2.81 -16.35 11.25
N THR A 79 2.14 -15.43 10.55
CA THR A 79 2.18 -14.03 10.93
C THR A 79 1.69 -13.86 12.37
N ALA A 80 0.49 -14.36 12.63
CA ALA A 80 -0.10 -14.30 13.98
C ALA A 80 0.82 -14.94 15.02
N ALA A 81 1.42 -16.07 14.68
CA ALA A 81 2.17 -16.82 15.67
C ALA A 81 3.54 -16.22 15.99
N ALA A 82 4.17 -15.56 15.01
CA ALA A 82 5.60 -15.35 15.08
C ALA A 82 6.17 -14.04 14.48
N LEU A 83 5.34 -13.20 13.83
CA LEU A 83 5.83 -12.00 13.14
C LEU A 83 6.60 -11.05 14.07
N TYR A 84 6.00 -10.73 15.20
CA TYR A 84 6.63 -9.77 16.11
C TYR A 84 7.95 -10.27 16.64
N ASP A 85 8.04 -11.55 16.97
CA ASP A 85 9.27 -12.11 17.48
C ASP A 85 10.34 -12.14 16.39
N ILE A 86 9.95 -12.45 15.15
CA ILE A 86 10.91 -12.54 14.05
C ILE A 86 11.42 -11.16 13.61
N ARG A 87 10.49 -10.21 13.45
CA ARG A 87 10.80 -8.78 13.24
C ARG A 87 11.75 -8.25 14.31
N GLU A 88 11.45 -8.57 15.56
CA GLU A 88 12.30 -8.10 16.66
C GLU A 88 13.73 -8.60 16.49
N LYS A 89 13.88 -9.91 16.34
CA LYS A 89 15.19 -10.56 16.43
C LYS A 89 16.09 -10.41 15.20
N LEU A 90 15.49 -10.30 14.01
CA LEU A 90 16.25 -10.03 12.78
C LEU A 90 16.41 -8.52 12.56
N ASP A 91 17.42 -8.12 11.79
CA ASP A 91 17.68 -6.71 11.47
C ASP A 91 17.16 -6.29 10.10
N ILE A 92 16.86 -7.28 9.26
CA ILE A 92 16.21 -7.04 7.96
C ILE A 92 14.71 -6.78 8.14
N PRO A 93 14.10 -6.05 7.18
CA PRO A 93 12.66 -5.88 7.26
C PRO A 93 11.92 -7.22 7.26
N VAL A 94 10.90 -7.33 8.10
CA VAL A 94 10.00 -8.48 8.12
C VAL A 94 8.57 -7.95 8.14
N ILE A 95 7.71 -8.45 7.25
CA ILE A 95 6.27 -8.19 7.35
C ILE A 95 5.45 -9.49 7.21
N GLY A 96 4.18 -9.37 7.55
CA GLY A 96 3.22 -10.44 7.35
C GLY A 96 2.09 -9.97 6.45
N VAL A 97 1.07 -10.81 6.36
CA VAL A 97 -0.05 -10.61 5.42
C VAL A 97 -1.35 -10.15 6.08
N ILE A 98 -1.40 -10.03 7.41
CA ILE A 98 -2.68 -9.74 8.08
C ILE A 98 -3.03 -8.26 7.98
N GLN A 99 -2.04 -7.44 8.26
CA GLN A 99 -2.23 -6.00 8.23
C GLN A 99 -2.53 -5.47 6.81
N PRO A 100 -1.82 -5.95 5.79
CA PRO A 100 -2.18 -5.51 4.44
C PRO A 100 -3.61 -5.87 4.01
N GLY A 101 -4.04 -7.08 4.31
CA GLY A 101 -5.41 -7.49 3.99
C GLY A 101 -6.44 -6.67 4.73
N SER A 102 -6.11 -6.29 5.96
CA SER A 102 -6.98 -5.44 6.74
C SER A 102 -7.10 -4.06 6.08
N ARG A 103 -5.96 -3.46 5.71
CA ARG A 103 -5.97 -2.19 4.99
C ARG A 103 -6.82 -2.29 3.71
N ALA A 104 -6.61 -3.37 2.94
CA ALA A 104 -7.32 -3.58 1.65
C ALA A 104 -8.83 -3.70 1.83
N ALA A 105 -9.23 -4.45 2.85
CA ALA A 105 -10.63 -4.66 3.14
C ALA A 105 -11.30 -3.36 3.55
N LEU A 106 -10.68 -2.63 4.47
CA LEU A 106 -11.23 -1.36 4.93
C LEU A 106 -11.30 -0.34 3.78
N LYS A 107 -10.46 -0.47 2.76
CA LYS A 107 -10.57 0.37 1.56
C LYS A 107 -11.71 -0.04 0.65
N ALA A 108 -12.03 -1.33 0.62
CA ALA A 108 -13.04 -1.85 -0.32
C ALA A 108 -14.48 -1.78 0.21
N THR A 109 -14.67 -1.76 1.53
CA THR A 109 -15.99 -1.83 2.10
C THR A 109 -16.79 -0.53 1.87
N ARG A 110 -18.09 -0.68 1.63
CA ARG A 110 -19.00 0.46 1.50
C ARG A 110 -19.83 0.66 2.77
N ASN A 111 -20.22 -0.45 3.43
CA ASN A 111 -21.07 -0.41 4.64
C ASN A 111 -20.37 -0.81 5.94
N ASN A 112 -19.05 -1.03 5.89
CA ASN A 112 -18.24 -1.41 7.07
C ASN A 112 -18.65 -2.73 7.77
N LYS A 113 -19.14 -3.67 6.95
CA LYS A 113 -19.40 -5.03 7.42
C LYS A 113 -18.48 -5.99 6.70
N ILE A 114 -17.37 -6.35 7.38
CA ILE A 114 -16.33 -7.17 6.76
C ILE A 114 -16.35 -8.62 7.24
N GLY A 115 -16.29 -9.54 6.30
CA GLY A 115 -16.17 -10.97 6.59
C GLY A 115 -14.73 -11.42 6.38
N VAL A 116 -14.31 -12.41 7.15
CA VAL A 116 -12.95 -12.94 7.07
C VAL A 116 -13.02 -14.45 6.93
N LEU A 117 -12.34 -15.00 5.92
CA LEU A 117 -12.22 -16.44 5.76
C LEU A 117 -10.81 -16.85 6.16
N GLY A 118 -10.72 -17.90 6.96
CA GLY A 118 -9.43 -18.38 7.43
C GLY A 118 -9.38 -19.78 7.98
N THR A 119 -8.16 -20.20 8.33
CA THR A 119 -7.95 -21.49 9.01
C THR A 119 -8.39 -21.38 10.46
N LEU A 120 -8.39 -22.50 11.14
CA LEU A 120 -8.80 -22.55 12.54
C LEU A 120 -7.87 -21.74 13.41
N GLY A 121 -6.58 -21.92 13.22
CA GLY A 121 -5.58 -21.18 13.97
C GLY A 121 -5.73 -19.66 13.81
N THR A 122 -5.94 -19.22 12.58
CA THR A 122 -6.10 -17.80 12.30
C THR A 122 -7.37 -17.24 12.93
N VAL A 123 -8.49 -17.93 12.76
CA VAL A 123 -9.75 -17.45 13.32
C VAL A 123 -9.66 -17.40 14.83
N GLU A 124 -9.03 -18.40 15.44
CA GLU A 124 -8.98 -18.44 16.88
C GLU A 124 -8.02 -17.42 17.46
N SER A 125 -7.00 -17.02 16.69
CA SER A 125 -6.08 -15.97 17.14
C SER A 125 -6.74 -14.58 17.35
N MSE A 126 -7.86 -14.35 16.65
N MSE A 126 -7.84 -14.33 16.65
CA MSE A 126 -8.55 -13.05 16.58
CA MSE A 126 -8.53 -13.02 16.64
C MSE A 126 -7.66 -11.93 16.03
C MSE A 126 -7.67 -11.91 16.01
O MSE A 126 -7.92 -10.74 16.29
O MSE A 126 -7.96 -10.73 16.21
CB MSE A 126 -9.17 -12.66 17.94
CB MSE A 126 -8.94 -12.59 18.05
CG MSE A 126 -10.12 -13.71 18.57
CG MSE A 126 -9.30 -13.73 18.98
SE MSE A 126 -12.01 -13.65 18.03
SE MSE A 126 -10.63 -13.21 20.28
CE MSE A 126 -12.52 -11.91 18.78
CE MSE A 126 -9.59 -11.88 21.32
N ALA A 127 -6.63 -12.28 15.27
CA ALA A 127 -5.69 -11.29 14.72
C ALA A 127 -6.37 -10.38 13.73
N TYR A 128 -7.28 -10.92 12.91
CA TYR A 128 -8.02 -10.10 11.97
C TYR A 128 -8.93 -9.08 12.64
N PRO A 129 -9.87 -9.53 13.49
CA PRO A 129 -10.67 -8.49 14.16
C PRO A 129 -9.84 -7.46 14.91
N THR A 130 -8.81 -7.91 15.64
CA THR A 130 -7.94 -6.99 16.38
C THR A 130 -7.28 -5.97 15.46
N ALA A 131 -6.70 -6.45 14.38
CA ALA A 131 -6.05 -5.55 13.42
C ALA A 131 -7.07 -4.57 12.80
N LEU A 132 -8.25 -5.07 12.42
CA LEU A 132 -9.25 -4.26 11.72
C LEU A 132 -9.84 -3.17 12.62
N LYS A 133 -10.19 -3.55 13.83
CA LYS A 133 -10.73 -2.59 14.78
C LYS A 133 -9.68 -1.65 15.34
N GLY A 134 -8.42 -2.08 15.31
CA GLY A 134 -7.30 -1.21 15.64
C GLY A 134 -7.07 -0.09 14.62
N LEU A 135 -7.47 -0.34 13.37
CA LEU A 135 -7.50 0.68 12.33
C LEU A 135 -8.79 1.51 12.37
N ASN A 136 -9.93 0.84 12.42
CA ASN A 136 -11.25 1.50 12.49
C ASN A 136 -12.14 0.77 13.48
N ARG A 137 -12.33 1.36 14.65
CA ARG A 137 -13.04 0.72 15.75
C ARG A 137 -14.56 0.57 15.54
N ARG A 138 -15.10 1.09 14.44
CA ARG A 138 -16.52 1.01 14.12
C ARG A 138 -16.85 -0.04 13.06
N VAL A 139 -15.81 -0.67 12.52
CA VAL A 139 -15.99 -1.74 11.56
C VAL A 139 -16.53 -2.98 12.28
N GLU A 140 -17.46 -3.68 11.65
CA GLU A 140 -17.95 -4.96 12.16
C GLU A 140 -17.17 -6.04 11.45
N VAL A 141 -16.77 -7.08 12.18
CA VAL A 141 -15.91 -8.12 11.61
C VAL A 141 -16.43 -9.47 12.07
N ASP A 142 -16.75 -10.33 11.11
CA ASP A 142 -17.17 -11.68 11.43
C ASP A 142 -16.31 -12.65 10.63
N SER A 143 -15.81 -13.67 11.31
CA SER A 143 -14.88 -14.63 10.70
C SER A 143 -15.47 -16.03 10.59
N LEU A 144 -15.11 -16.71 9.50
CA LEU A 144 -15.66 -18.01 9.16
C LEU A 144 -14.49 -18.92 8.81
N ALA A 145 -14.30 -19.98 9.60
CA ALA A 145 -13.26 -20.97 9.34
C ALA A 145 -13.66 -21.90 8.17
N CYS A 146 -12.70 -22.17 7.30
CA CYS A 146 -12.88 -23.03 6.13
C CYS A 146 -11.79 -24.11 6.09
N PRO A 147 -11.90 -25.12 6.97
CA PRO A 147 -10.88 -26.19 7.09
C PRO A 147 -10.54 -26.95 5.79
N LYS A 148 -11.50 -27.10 4.88
CA LYS A 148 -11.31 -27.90 3.65
C LYS A 148 -10.56 -27.15 2.53
N PHE A 149 -10.51 -25.81 2.58
CA PHE A 149 -9.97 -25.03 1.47
C PHE A 149 -8.49 -25.35 1.19
N VAL A 150 -7.65 -25.39 2.22
CA VAL A 150 -6.23 -25.68 2.06
C VAL A 150 -5.92 -27.01 1.36
N SER A 151 -6.60 -28.10 1.74
CA SER A 151 -6.40 -29.40 1.10
C SER A 151 -6.77 -29.38 -0.37
N VAL A 152 -7.91 -28.76 -0.68
CA VAL A 152 -8.38 -28.66 -2.06
C VAL A 152 -7.35 -27.92 -2.92
N VAL A 153 -6.78 -26.85 -2.39
CA VAL A 153 -5.76 -26.09 -3.10
C VAL A 153 -4.45 -26.90 -3.21
N GLU A 154 -3.98 -27.47 -2.10
CA GLU A 154 -2.73 -28.23 -2.13
C GLU A 154 -2.84 -29.46 -3.07
N SER A 155 -4.02 -30.07 -3.16
CA SER A 155 -4.24 -31.21 -4.03
C SER A 155 -4.35 -30.80 -5.51
N GLY A 156 -4.43 -29.51 -5.79
CA GLY A 156 -4.54 -29.04 -7.19
C GLY A 156 -5.94 -29.18 -7.80
N GLU A 157 -6.95 -29.36 -6.93
CA GLU A 157 -8.36 -29.49 -7.34
C GLU A 157 -9.12 -28.16 -7.28
N TYR A 158 -8.41 -27.05 -7.16
CA TYR A 158 -9.05 -25.76 -6.89
C TYR A 158 -9.83 -25.13 -8.05
N LYS A 159 -9.76 -25.72 -9.24
CA LYS A 159 -10.54 -25.21 -10.39
C LYS A 159 -11.71 -26.12 -10.67
N SER A 160 -11.76 -27.26 -9.99
CA SER A 160 -12.63 -28.36 -10.36
C SER A 160 -14.02 -28.25 -9.75
N ALA A 161 -14.88 -29.21 -10.11
CA ALA A 161 -16.27 -29.27 -9.65
C ALA A 161 -16.39 -29.51 -8.15
N ILE A 162 -15.51 -30.31 -7.58
CA ILE A 162 -15.49 -30.50 -6.12
C ILE A 162 -15.14 -29.19 -5.39
N ALA A 163 -14.21 -28.43 -5.95
CA ALA A 163 -13.88 -27.12 -5.38
C ALA A 163 -15.11 -26.21 -5.33
N LYS A 164 -15.91 -26.22 -6.39
CA LYS A 164 -17.14 -25.42 -6.46
C LYS A 164 -18.09 -25.78 -5.34
N LYS A 165 -18.20 -27.08 -5.05
CA LYS A 165 -19.13 -27.58 -4.03
C LYS A 165 -18.70 -27.22 -2.59
N VAL A 166 -17.43 -27.42 -2.27
CA VAL A 166 -16.91 -27.16 -0.93
C VAL A 166 -16.93 -25.66 -0.54
N VAL A 167 -16.70 -24.79 -1.53
CA VAL A 167 -16.91 -23.35 -1.39
C VAL A 167 -18.39 -23.02 -1.13
N ALA A 168 -19.29 -23.61 -1.90
CA ALA A 168 -20.73 -23.35 -1.73
C ALA A 168 -21.19 -23.77 -0.33
N GLU A 169 -20.75 -24.95 0.10
CA GLU A 169 -21.09 -25.47 1.42
C GLU A 169 -20.53 -24.61 2.55
N SER A 170 -19.26 -24.22 2.43
CA SER A 170 -18.57 -23.50 3.50
C SER A 170 -19.05 -22.06 3.66
N LEU A 171 -19.35 -21.41 2.54
CA LEU A 171 -19.60 -19.98 2.54
C LEU A 171 -21.09 -19.60 2.60
N LEU A 172 -21.97 -20.59 2.48
CA LEU A 172 -23.43 -20.35 2.55
C LEU A 172 -23.84 -19.42 3.70
N PRO A 173 -23.28 -19.60 4.92
CA PRO A 173 -23.65 -18.70 6.03
C PRO A 173 -23.49 -17.21 5.76
N LEU A 174 -22.52 -16.82 4.95
CA LEU A 174 -22.29 -15.40 4.65
C LEU A 174 -23.50 -14.72 4.01
N LYS A 175 -24.31 -15.50 3.29
CA LYS A 175 -25.49 -14.96 2.59
C LYS A 175 -26.63 -14.62 3.55
N SER A 176 -26.52 -15.03 4.81
CA SER A 176 -27.47 -14.61 5.83
C SER A 176 -27.15 -13.21 6.35
N THR A 177 -25.93 -12.74 6.13
CA THR A 177 -25.46 -11.45 6.63
C THR A 177 -25.50 -10.39 5.53
N LYS A 178 -25.14 -9.15 5.88
CA LYS A 178 -25.05 -8.05 4.91
C LYS A 178 -23.61 -7.70 4.55
N ILE A 179 -22.69 -8.60 4.86
CA ILE A 179 -21.26 -8.40 4.60
C ILE A 179 -21.04 -8.08 3.14
N ASP A 180 -20.29 -7.01 2.87
CA ASP A 180 -20.06 -6.54 1.51
C ASP A 180 -18.59 -6.73 1.05
N THR A 181 -17.73 -7.16 1.97
CA THR A 181 -16.34 -7.39 1.68
C THR A 181 -15.91 -8.65 2.42
N VAL A 182 -15.27 -9.57 1.71
CA VAL A 182 -14.74 -10.79 2.31
C VAL A 182 -13.23 -10.84 2.12
N ILE A 183 -12.48 -10.90 3.22
CA ILE A 183 -11.02 -11.05 3.18
C ILE A 183 -10.63 -12.51 3.04
N LEU A 184 -9.78 -12.81 2.07
CA LEU A 184 -9.22 -14.13 1.94
C LEU A 184 -8.05 -14.17 2.91
N GLY A 185 -8.33 -14.56 4.15
CA GLY A 185 -7.38 -14.49 5.25
C GLY A 185 -6.55 -15.74 5.45
N CYS A 186 -6.43 -16.51 4.37
CA CYS A 186 -5.43 -17.56 4.23
C CYS A 186 -4.87 -17.39 2.84
N THR A 187 -3.55 -17.40 2.72
CA THR A 187 -2.91 -17.01 1.47
C THR A 187 -3.17 -18.03 0.35
N HIS A 188 -3.66 -19.21 0.72
CA HIS A 188 -4.08 -20.22 -0.24
C HIS A 188 -5.37 -19.88 -0.95
N TYR A 189 -6.26 -19.13 -0.31
CA TYR A 189 -7.64 -18.98 -0.80
C TYR A 189 -7.85 -18.22 -2.13
N PRO A 190 -6.94 -17.31 -2.50
CA PRO A 190 -7.07 -16.67 -3.82
C PRO A 190 -7.06 -17.64 -5.02
N LEU A 191 -6.54 -18.85 -4.82
CA LEU A 191 -6.59 -19.90 -5.85
C LEU A 191 -8.02 -20.38 -6.07
N LEU A 192 -8.89 -20.14 -5.08
CA LEU A 192 -10.33 -20.39 -5.17
C LEU A 192 -11.18 -19.15 -5.49
N LYS A 193 -10.53 -18.02 -5.72
CA LYS A 193 -11.21 -16.72 -5.80
C LYS A 193 -12.30 -16.60 -6.87
N PRO A 194 -12.04 -17.08 -8.10
CA PRO A 194 -13.10 -17.10 -9.12
C PRO A 194 -14.37 -17.85 -8.68
N ILE A 195 -14.18 -18.97 -7.99
CA ILE A 195 -15.29 -19.74 -7.45
C ILE A 195 -15.98 -18.97 -6.32
N ILE A 196 -15.21 -18.37 -5.43
CA ILE A 196 -15.80 -17.61 -4.33
C ILE A 196 -16.59 -16.42 -4.88
N GLU A 197 -16.06 -15.73 -5.88
CA GLU A 197 -16.75 -14.55 -6.45
C GLU A 197 -18.05 -14.89 -7.16
N ASN A 198 -18.05 -15.96 -7.94
CA ASN A 198 -19.27 -16.44 -8.58
C ASN A 198 -20.34 -16.79 -7.56
N PHE A 199 -19.94 -17.48 -6.51
CA PHE A 199 -20.87 -17.86 -5.47
C PHE A 199 -21.47 -16.64 -4.75
N MSE A 200 -20.63 -15.71 -4.33
CA MSE A 200 -21.07 -14.54 -3.56
C MSE A 200 -21.73 -13.45 -4.43
O MSE A 200 -22.53 -12.66 -3.95
CB MSE A 200 -19.90 -13.93 -2.79
CG MSE A 200 -19.29 -14.83 -1.71
SE MSE A 200 -20.60 -15.48 -0.43
CE MSE A 200 -21.13 -13.75 0.33
N GLY A 201 -21.36 -13.42 -5.70
CA GLY A 201 -21.95 -12.47 -6.65
C GLY A 201 -21.28 -11.11 -6.59
N ASP A 202 -21.84 -10.17 -7.37
CA ASP A 202 -21.21 -8.86 -7.60
C ASP A 202 -21.31 -7.88 -6.44
N GLY A 203 -22.12 -8.18 -5.43
CA GLY A 203 -22.30 -7.30 -4.29
C GLY A 203 -21.21 -7.40 -3.23
N VAL A 204 -20.37 -8.43 -3.32
CA VAL A 204 -19.34 -8.68 -2.32
C VAL A 204 -17.94 -8.59 -2.93
N ALA A 205 -17.12 -7.67 -2.45
CA ALA A 205 -15.72 -7.58 -2.92
C ALA A 205 -14.89 -8.63 -2.18
N VAL A 206 -14.23 -9.52 -2.90
CA VAL A 206 -13.43 -10.59 -2.31
C VAL A 206 -11.98 -10.15 -2.40
N ILE A 207 -11.31 -10.03 -1.26
CA ILE A 207 -10.01 -9.39 -1.21
C ILE A 207 -8.85 -10.39 -1.16
N ASN A 208 -7.98 -10.30 -2.16
CA ASN A 208 -6.71 -11.02 -2.18
C ASN A 208 -5.69 -10.07 -1.58
N SER A 209 -5.11 -10.44 -0.44
CA SER A 209 -4.21 -9.55 0.29
C SER A 209 -2.83 -9.36 -0.37
N GLY A 210 -2.61 -10.04 -1.50
CA GLY A 210 -1.26 -10.14 -2.07
C GLY A 210 -0.77 -8.85 -2.68
N GLU A 211 -1.69 -8.09 -3.26
CA GLU A 211 -1.36 -6.88 -3.97
C GLU A 211 -0.91 -5.80 -2.99
N GLU A 212 -1.63 -5.69 -1.88
CA GLU A 212 -1.31 -4.75 -0.82
C GLU A 212 -0.02 -5.16 -0.07
N THR A 213 0.19 -6.46 0.12
CA THR A 213 1.42 -6.95 0.71
C THR A 213 2.63 -6.60 -0.19
N ALA A 214 2.49 -6.78 -1.50
CA ALA A 214 3.58 -6.49 -2.46
C ALA A 214 3.91 -5.02 -2.50
N SER A 215 2.89 -4.17 -2.37
CA SER A 215 3.13 -2.73 -2.30
C SER A 215 3.91 -2.40 -1.05
N GLU A 216 3.57 -3.04 0.07
CA GLU A 216 4.33 -2.75 1.28
C GLU A 216 5.77 -3.26 1.17
N VAL A 217 5.98 -4.37 0.46
CA VAL A 217 7.35 -4.80 0.20
C VAL A 217 8.08 -3.71 -0.60
N SER A 218 7.43 -3.20 -1.63
CA SER A 218 8.03 -2.18 -2.47
C SER A 218 8.32 -0.94 -1.61
N ALA A 219 7.33 -0.52 -0.83
CA ALA A 219 7.45 0.63 0.07
C ALA A 219 8.67 0.54 1.00
N LEU A 220 8.81 -0.58 1.71
CA LEU A 220 9.92 -0.73 2.65
C LEU A 220 11.29 -0.81 1.96
N LEU A 221 11.37 -1.49 0.83
CA LEU A 221 12.63 -1.60 0.11
C LEU A 221 13.03 -0.20 -0.35
N ASP A 222 12.09 0.51 -0.97
CA ASP A 222 12.32 1.86 -1.44
C ASP A 222 12.72 2.73 -0.25
N TYR A 223 12.03 2.54 0.88
CA TYR A 223 12.29 3.35 2.07
C TYR A 223 13.76 3.23 2.50
N HIS A 224 14.25 2.01 2.57
CA HIS A 224 15.59 1.76 3.12
C HIS A 224 16.69 1.64 2.07
N ASN A 225 16.39 2.07 0.85
CA ASN A 225 17.32 1.97 -0.28
C ASN A 225 17.81 0.55 -0.58
N LEU A 226 16.91 -0.41 -0.39
CA LEU A 226 17.23 -1.82 -0.58
C LEU A 226 16.78 -2.35 -1.94
N LEU A 227 16.17 -1.49 -2.78
CA LEU A 227 15.75 -1.93 -4.11
C LEU A 227 16.97 -2.32 -4.94
N ASP A 228 16.84 -3.39 -5.70
CA ASP A 228 17.95 -3.80 -6.53
C ASP A 228 18.12 -2.88 -7.74
N ALA A 229 19.34 -2.39 -7.94
CA ALA A 229 19.67 -1.48 -9.04
C ALA A 229 20.57 -2.14 -10.08
N THR A 230 20.47 -3.47 -10.22
CA THR A 230 21.36 -4.23 -11.08
C THR A 230 20.64 -4.85 -12.27
N ASP A 231 21.40 -5.12 -13.32
CA ASP A 231 20.89 -5.84 -14.48
C ASP A 231 21.32 -7.32 -14.46
N GLU A 232 21.78 -7.78 -13.30
CA GLU A 232 22.09 -9.19 -13.14
C GLU A 232 20.84 -10.00 -13.41
N GLU A 233 21.05 -11.16 -13.99
CA GLU A 233 19.95 -12.02 -14.38
C GLU A 233 19.23 -12.54 -13.15
N ILE A 234 17.91 -12.48 -13.16
CA ILE A 234 17.11 -12.90 -12.03
C ILE A 234 17.07 -14.42 -11.97
N GLU A 235 17.42 -14.99 -10.81
CA GLU A 235 17.32 -16.45 -10.58
C GLU A 235 16.43 -16.75 -9.40
N HIS A 236 15.12 -16.82 -9.66
CA HIS A 236 14.15 -17.17 -8.65
C HIS A 236 14.36 -18.60 -8.21
N ARG A 237 14.32 -18.84 -6.89
CA ARG A 237 14.48 -20.17 -6.32
C ARG A 237 13.29 -20.51 -5.45
N PHE A 238 12.72 -21.68 -5.67
CA PHE A 238 11.61 -22.20 -4.88
C PHE A 238 12.03 -23.49 -4.22
N PHE A 239 11.60 -23.64 -2.98
CA PHE A 239 11.95 -24.76 -2.12
C PHE A 239 10.66 -25.32 -1.53
N THR A 240 10.54 -26.65 -1.42
CA THR A 240 9.37 -27.25 -0.79
C THR A 240 9.84 -28.42 0.04
N THR A 241 9.15 -28.71 1.14
CA THR A 241 9.48 -29.88 1.94
C THR A 241 8.73 -31.13 1.44
N GLY A 242 7.89 -30.93 0.42
CA GLY A 242 7.17 -32.01 -0.22
C GLY A 242 7.71 -32.29 -1.62
N SER A 243 6.84 -32.81 -2.49
CA SER A 243 7.26 -33.25 -3.82
C SER A 243 7.33 -32.06 -4.78
N THR A 244 8.41 -31.98 -5.57
CA THR A 244 8.63 -30.82 -6.45
C THR A 244 7.69 -30.71 -7.65
N GLN A 245 7.23 -31.83 -8.19
CA GLN A 245 6.41 -31.80 -9.42
C GLN A 245 5.02 -31.24 -9.12
N ILE A 246 4.38 -31.74 -8.07
CA ILE A 246 3.10 -31.17 -7.66
C ILE A 246 3.19 -29.66 -7.38
N PHE A 247 4.28 -29.23 -6.74
CA PHE A 247 4.47 -27.82 -6.46
C PHE A 247 4.62 -27.06 -7.79
N LYS A 248 5.43 -27.60 -8.69
CA LYS A 248 5.62 -26.99 -10.01
C LYS A 248 4.29 -26.86 -10.77
N ASP A 249 3.48 -27.90 -10.74
CA ASP A 249 2.22 -27.90 -11.47
C ASP A 249 1.27 -26.81 -10.94
N ILE A 250 1.28 -26.56 -9.63
CA ILE A 250 0.42 -25.50 -9.06
C ILE A 250 1.03 -24.14 -9.34
N ALA A 251 2.32 -24.03 -9.03
CA ALA A 251 3.04 -22.79 -9.22
C ALA A 251 2.98 -22.31 -10.67
N LYS A 252 3.24 -23.21 -11.62
CA LYS A 252 3.26 -22.81 -13.03
C LYS A 252 1.89 -22.37 -13.54
N ASP A 253 0.82 -22.84 -12.89
CA ASP A 253 -0.54 -22.42 -13.21
C ASP A 253 -0.87 -21.03 -12.63
N TRP A 254 -0.44 -20.79 -11.40
CA TRP A 254 -0.68 -19.50 -10.75
C TRP A 254 0.26 -18.38 -11.24
N LEU A 255 1.53 -18.72 -11.40
CA LEU A 255 2.52 -17.80 -11.93
C LEU A 255 2.69 -18.07 -13.43
N ASN A 256 3.04 -17.06 -14.18
CA ASN A 256 3.36 -17.25 -15.59
C ASN A 256 4.86 -17.54 -15.66
N MSE A 257 5.25 -18.78 -15.32
CA MSE A 257 6.68 -19.12 -15.22
C MSE A 257 6.98 -20.59 -15.59
O MSE A 257 7.07 -21.44 -14.70
CB MSE A 257 7.18 -18.77 -13.82
CG MSE A 257 8.68 -18.52 -13.73
SE MSE A 257 9.27 -18.07 -11.92
CE MSE A 257 8.33 -16.38 -11.72
N PRO A 258 7.13 -20.89 -16.90
CA PRO A 258 7.37 -22.26 -17.40
C PRO A 258 8.70 -22.91 -17.00
N ASP A 259 9.77 -22.13 -16.92
CA ASP A 259 11.10 -22.66 -16.58
C ASP A 259 11.45 -22.37 -15.13
N MSE A 260 10.57 -22.81 -14.24
CA MSE A 260 10.73 -22.61 -12.82
C MSE A 260 11.64 -23.65 -12.17
O MSE A 260 11.50 -24.85 -12.44
CB MSE A 260 9.35 -22.69 -12.19
CG MSE A 260 9.32 -22.41 -10.73
SE MSE A 260 7.53 -22.67 -10.11
CE MSE A 260 6.61 -21.39 -11.24
N THR A 261 12.56 -23.19 -11.32
CA THR A 261 13.48 -24.06 -10.58
C THR A 261 12.92 -24.38 -9.22
N VAL A 262 12.47 -25.61 -9.04
CA VAL A 262 11.89 -26.04 -7.76
C VAL A 262 12.72 -27.16 -7.12
N GLU A 263 13.03 -27.01 -5.83
CA GLU A 263 13.86 -27.97 -5.13
C GLU A 263 13.25 -28.43 -3.82
N HIS A 264 13.50 -29.69 -3.50
CA HIS A 264 13.05 -30.30 -2.24
C HIS A 264 14.16 -30.20 -1.19
N ILE A 265 13.80 -29.78 0.01
CA ILE A 265 14.75 -29.61 1.13
C ILE A 265 14.21 -30.24 2.41
N LYS A 266 15.02 -30.23 3.48
CA LYS A 266 14.60 -30.73 4.81
C LYS A 266 14.65 -29.66 5.92
N LEU A 267 13.66 -29.68 6.80
CA LEU A 267 13.59 -28.80 7.96
C LEU A 267 13.36 -29.62 9.25
N GLY A 268 14.12 -29.31 10.31
CA GLY A 268 14.00 -30.02 11.58
C GLY A 268 15.22 -29.83 12.47
N MSE B 4 0.95 8.56 25.19
CA MSE B 4 0.50 9.94 24.82
C MSE B 4 0.26 10.10 23.31
O MSE B 4 1.08 9.64 22.49
CB MSE B 4 1.51 10.96 25.29
CG MSE B 4 1.34 11.38 26.75
SE MSE B 4 -0.05 12.77 27.05
CE MSE B 4 -0.42 13.33 25.18
N LYS B 5 -0.82 10.78 22.94
CA LYS B 5 -1.23 10.89 21.54
C LYS B 5 -0.32 11.85 20.75
N GLN B 6 0.28 11.34 19.69
CA GLN B 6 1.11 12.15 18.82
C GLN B 6 0.48 12.23 17.44
N ALA B 7 0.65 13.36 16.77
CA ALA B 7 0.02 13.60 15.48
C ALA B 7 0.86 13.06 14.33
N ILE B 8 0.21 12.82 13.19
CA ILE B 8 0.88 12.63 11.94
C ILE B 8 1.09 14.03 11.38
N GLY B 9 2.33 14.39 11.07
CA GLY B 9 2.63 15.70 10.52
C GLY B 9 2.53 15.72 9.01
N PHE B 10 2.01 16.82 8.47
CA PHE B 10 2.03 17.10 7.04
C PHE B 10 2.57 18.51 6.81
N ILE B 11 3.52 18.64 5.89
CA ILE B 11 3.97 19.95 5.45
C ILE B 11 3.77 20.14 3.94
N ASP B 12 3.31 21.33 3.54
CA ASP B 12 3.02 21.63 2.13
C ASP B 12 3.24 23.12 1.90
N SER B 13 3.36 23.50 0.62
CA SER B 13 3.44 24.90 0.24
C SER B 13 2.07 25.60 0.32
N GLY B 14 0.98 24.84 0.38
CA GLY B 14 -0.36 25.43 0.33
C GLY B 14 -1.46 24.46 0.74
N VAL B 15 -2.56 24.48 -0.01
CA VAL B 15 -3.75 23.66 0.30
C VAL B 15 -3.77 22.28 -0.34
N GLY B 16 -2.95 22.07 -1.36
CA GLY B 16 -2.97 20.82 -2.12
C GLY B 16 -2.89 19.58 -1.25
N GLY B 17 -1.97 19.61 -0.30
CA GLY B 17 -1.73 18.50 0.62
C GLY B 17 -2.94 18.06 1.42
N LEU B 18 -3.93 18.93 1.58
CA LEU B 18 -5.19 18.52 2.21
C LEU B 18 -5.85 17.31 1.50
N THR B 19 -5.56 17.10 0.21
CA THR B 19 -6.10 15.93 -0.49
C THR B 19 -5.48 14.63 0.03
N VAL B 20 -4.29 14.73 0.64
CA VAL B 20 -3.61 13.59 1.22
C VAL B 20 -4.12 13.39 2.62
N VAL B 21 -4.33 14.50 3.34
CA VAL B 21 -4.96 14.48 4.65
C VAL B 21 -6.34 13.82 4.58
N ARG B 22 -7.08 14.11 3.52
CA ARG B 22 -8.38 13.51 3.34
C ARG B 22 -8.33 11.97 3.36
N GLU B 23 -7.36 11.38 2.69
CA GLU B 23 -7.26 9.94 2.64
C GLU B 23 -6.77 9.34 3.96
N VAL B 24 -5.92 10.06 4.67
CA VAL B 24 -5.51 9.67 6.02
C VAL B 24 -6.72 9.69 6.98
N LEU B 25 -7.60 10.69 6.87
CA LEU B 25 -8.83 10.70 7.67
C LEU B 25 -9.70 9.45 7.39
N LYS B 26 -9.77 9.02 6.12
CA LYS B 26 -10.54 7.82 5.74
C LYS B 26 -9.89 6.52 6.22
N GLN B 27 -8.58 6.40 6.05
CA GLN B 27 -7.89 5.14 6.27
C GLN B 27 -7.37 5.01 7.70
N LEU B 28 -7.15 6.14 8.36
CA LEU B 28 -6.62 6.18 9.71
C LEU B 28 -7.44 7.12 10.58
N PRO B 29 -8.72 6.78 10.77
CA PRO B 29 -9.61 7.67 11.52
C PRO B 29 -9.30 7.88 13.01
N HIS B 30 -8.43 7.04 13.60
CA HIS B 30 -8.04 7.21 14.99
C HIS B 30 -6.89 8.22 15.17
N GLU B 31 -6.26 8.64 14.08
CA GLU B 31 -5.06 9.44 14.18
C GLU B 31 -5.36 10.94 14.08
N GLN B 32 -4.70 11.76 14.90
CA GLN B 32 -4.79 13.21 14.71
C GLN B 32 -3.73 13.71 13.73
N VAL B 33 -4.08 14.73 12.95
CA VAL B 33 -3.21 15.28 11.95
C VAL B 33 -2.83 16.72 12.30
N TYR B 34 -1.57 17.06 12.06
CA TYR B 34 -1.09 18.44 12.13
C TYR B 34 -0.65 18.80 10.73
N TYR B 35 -1.30 19.79 10.14
CA TYR B 35 -1.03 20.17 8.77
C TYR B 35 -0.51 21.60 8.72
N LEU B 36 0.58 21.81 8.00
CA LEU B 36 1.19 23.11 7.90
C LEU B 36 1.30 23.48 6.42
N GLY B 37 0.57 24.51 6.00
CA GLY B 37 0.63 24.96 4.62
C GLY B 37 1.29 26.32 4.56
N ASP B 38 2.37 26.43 3.80
CA ASP B 38 3.13 27.68 3.72
C ASP B 38 2.61 28.61 2.59
N THR B 39 1.34 29.01 2.69
CA THR B 39 0.66 29.77 1.63
C THR B 39 1.30 31.12 1.33
N ALA B 40 1.93 31.73 2.34
CA ALA B 40 2.60 33.02 2.16
C ALA B 40 3.73 32.98 1.12
N ARG B 41 4.34 31.82 0.93
CA ARG B 41 5.50 31.69 0.05
C ARG B 41 5.31 30.70 -1.11
N CYS B 42 4.07 30.29 -1.37
CA CYS B 42 3.78 29.45 -2.54
C CYS B 42 3.50 30.34 -3.74
N PRO B 43 3.60 29.81 -4.96
CA PRO B 43 4.07 28.44 -5.30
C PRO B 43 5.58 28.24 -5.11
N TYR B 44 5.96 27.02 -4.74
CA TYR B 44 7.36 26.63 -4.54
C TYR B 44 8.06 26.25 -5.85
N GLY B 45 7.29 25.78 -6.84
CA GLY B 45 7.83 25.26 -8.10
C GLY B 45 8.96 26.02 -8.78
N PRO B 46 8.81 27.36 -8.91
CA PRO B 46 9.85 28.14 -9.59
C PRO B 46 10.87 28.78 -8.63
N ARG B 47 11.10 28.17 -7.47
CA ARG B 47 12.03 28.68 -6.46
C ARG B 47 13.32 27.88 -6.49
N ASP B 48 14.36 28.46 -5.89
CA ASP B 48 15.67 27.81 -5.76
C ASP B 48 15.59 26.45 -5.05
N LYS B 49 16.29 25.44 -5.60
CA LYS B 49 16.30 24.08 -5.03
C LYS B 49 16.82 24.08 -3.59
N GLU B 50 17.88 24.85 -3.34
CA GLU B 50 18.44 25.02 -1.99
C GLU B 50 17.49 25.76 -1.05
N GLU B 51 16.89 26.86 -1.52
CA GLU B 51 16.01 27.68 -0.67
C GLU B 51 14.79 26.90 -0.19
N VAL B 52 14.26 26.05 -1.06
CA VAL B 52 13.11 25.23 -0.73
C VAL B 52 13.42 24.28 0.44
N ALA B 53 14.66 23.80 0.51
CA ALA B 53 15.10 22.92 1.60
C ALA B 53 15.06 23.64 2.94
N LYS B 54 15.54 24.88 2.94
CA LYS B 54 15.47 25.73 4.14
C LYS B 54 14.05 25.91 4.66
N PHE B 55 13.11 26.17 3.73
CA PHE B 55 11.70 26.40 4.06
C PHE B 55 11.10 25.13 4.63
N THR B 56 11.33 24.04 3.90
CA THR B 56 10.91 22.71 4.29
C THR B 56 11.42 22.33 5.68
N TRP B 57 12.69 22.61 5.96
CA TRP B 57 13.24 22.38 7.30
C TRP B 57 12.53 23.21 8.36
N GLU B 58 12.23 24.47 8.04
CA GLU B 58 11.53 25.35 8.97
C GLU B 58 10.14 24.81 9.31
N MSE B 59 9.45 24.23 8.35
CA MSE B 59 8.12 23.66 8.58
C MSE B 59 8.18 22.38 9.42
O MSE B 59 7.34 22.17 10.29
CB MSE B 59 7.43 23.35 7.25
CG MSE B 59 6.99 24.58 6.48
SE MSE B 59 5.82 24.16 4.98
CE MSE B 59 7.13 23.32 3.80
N THR B 60 9.15 21.52 9.09
CA THR B 60 9.42 20.30 9.84
C THR B 60 9.72 20.58 11.31
N ASN B 61 10.65 21.50 11.56
CA ASN B 61 11.01 21.87 12.92
C ASN B 61 9.81 22.37 13.68
N PHE B 62 8.92 23.11 13.01
CA PHE B 62 7.71 23.64 13.66
C PHE B 62 6.82 22.49 14.15
N LEU B 63 6.68 21.47 13.31
CA LEU B 63 5.79 20.36 13.64
C LEU B 63 6.42 19.39 14.64
N VAL B 64 7.71 19.13 14.51
CA VAL B 64 8.48 18.36 15.50
C VAL B 64 8.40 18.98 16.90
N ASP B 65 8.49 20.31 16.99
CA ASP B 65 8.34 20.99 18.28
C ASP B 65 6.98 20.69 18.93
N ARG B 66 5.97 20.41 18.10
CA ARG B 66 4.62 20.13 18.58
C ARG B 66 4.27 18.65 18.73
N GLY B 67 5.28 17.78 18.63
CA GLY B 67 5.12 16.35 18.90
C GLY B 67 4.47 15.61 17.76
N ILE B 68 5.28 15.21 16.78
CA ILE B 68 4.77 14.41 15.67
CA ILE B 68 4.81 14.46 15.64
C ILE B 68 5.51 13.10 15.61
N LYS B 69 4.78 12.04 15.27
CA LYS B 69 5.32 10.69 15.20
C LYS B 69 5.52 10.24 13.75
N MSE B 70 5.24 11.12 12.79
CA MSE B 70 5.38 10.79 11.39
C MSE B 70 5.27 12.07 10.59
O MSE B 70 4.45 12.94 10.91
CB MSE B 70 4.27 9.82 10.99
CG MSE B 70 4.06 9.63 9.47
SE MSE B 70 4.66 7.93 8.75
CE MSE B 70 3.95 6.77 10.11
N LEU B 71 6.10 12.20 9.56
CA LEU B 71 6.02 13.35 8.68
C LEU B 71 5.74 12.93 7.23
N VAL B 72 4.68 13.48 6.66
CA VAL B 72 4.42 13.41 5.24
C VAL B 72 4.81 14.77 4.62
N ILE B 73 5.64 14.73 3.59
CA ILE B 73 6.00 15.93 2.86
C ILE B 73 5.14 15.93 1.61
N ALA B 74 4.02 16.65 1.65
CA ALA B 74 3.03 16.62 0.57
C ALA B 74 3.43 17.45 -0.63
N CYS B 75 4.51 18.22 -0.49
CA CYS B 75 4.96 19.10 -1.54
C CYS B 75 6.02 18.40 -2.38
N ASN B 76 5.76 18.27 -3.68
CA ASN B 76 6.65 17.55 -4.59
C ASN B 76 8.01 18.22 -4.72
N THR B 77 8.05 19.55 -4.69
CA THR B 77 9.31 20.28 -4.70
C THR B 77 10.08 20.09 -3.39
N ALA B 78 9.34 20.03 -2.29
CA ALA B 78 9.96 19.83 -0.98
C ALA B 78 10.63 18.47 -0.93
N THR B 79 9.93 17.44 -1.40
CA THR B 79 10.43 16.06 -1.31
C THR B 79 11.69 15.84 -2.17
N ALA B 80 11.77 16.47 -3.34
CA ALA B 80 12.95 16.37 -4.19
C ALA B 80 14.16 17.06 -3.55
N ALA B 81 13.89 18.12 -2.80
CA ALA B 81 14.93 19.02 -2.28
C ALA B 81 15.49 18.65 -0.90
N ALA B 82 14.73 17.88 -0.12
CA ALA B 82 15.16 17.60 1.26
C ALA B 82 14.57 16.36 1.99
N LEU B 83 13.95 15.41 1.29
CA LEU B 83 13.41 14.20 1.96
C LEU B 83 14.49 13.33 2.62
N TYR B 84 15.57 13.07 1.90
CA TYR B 84 16.60 12.15 2.40
CA TYR B 84 16.62 12.17 2.39
C TYR B 84 17.31 12.74 3.62
N ASP B 85 17.58 14.05 3.55
CA ASP B 85 18.26 14.79 4.63
C ASP B 85 17.40 14.80 5.89
N ILE B 86 16.09 14.96 5.71
CA ILE B 86 15.15 15.05 6.83
C ILE B 86 15.01 13.70 7.54
N ARG B 87 15.01 12.60 6.79
CA ARG B 87 14.97 11.24 7.39
C ARG B 87 16.17 10.95 8.27
N GLU B 88 17.33 11.31 7.74
CA GLU B 88 18.58 11.05 8.41
C GLU B 88 18.61 11.75 9.77
N LYS B 89 18.19 13.02 9.78
CA LYS B 89 18.31 13.86 10.97
C LYS B 89 17.24 13.52 12.01
N LEU B 90 16.00 13.33 11.56
CA LEU B 90 14.90 12.99 12.48
C LEU B 90 14.99 11.53 12.90
N ASP B 91 14.27 11.18 13.95
CA ASP B 91 14.15 9.80 14.40
C ASP B 91 12.73 9.29 14.24
N ILE B 92 11.98 9.92 13.35
CA ILE B 92 10.64 9.47 13.01
C ILE B 92 10.57 9.18 11.50
N PRO B 93 9.60 8.34 11.08
CA PRO B 93 9.43 8.09 9.65
C PRO B 93 8.99 9.34 8.88
N VAL B 94 9.61 9.55 7.74
CA VAL B 94 9.32 10.66 6.84
C VAL B 94 9.11 10.07 5.46
N ILE B 95 8.04 10.45 4.76
CA ILE B 95 7.84 10.08 3.34
C ILE B 95 7.29 11.23 2.52
N GLY B 96 7.35 11.08 1.20
CA GLY B 96 6.71 12.02 0.26
C GLY B 96 5.60 11.33 -0.49
N VAL B 97 5.00 12.02 -1.46
CA VAL B 97 3.89 11.47 -2.25
C VAL B 97 4.27 10.89 -3.61
N ILE B 98 5.53 11.07 -4.02
CA ILE B 98 6.02 10.66 -5.33
C ILE B 98 6.16 9.17 -5.45
N GLN B 99 6.90 8.56 -4.52
CA GLN B 99 7.06 7.09 -4.53
C GLN B 99 5.72 6.38 -4.41
N PRO B 100 4.85 6.81 -3.46
CA PRO B 100 3.55 6.16 -3.38
C PRO B 100 2.76 6.29 -4.67
N GLY B 101 2.72 7.48 -5.28
CA GLY B 101 2.01 7.60 -6.57
C GLY B 101 2.56 6.63 -7.60
N SER B 102 3.87 6.51 -7.65
CA SER B 102 4.54 5.68 -8.63
C SER B 102 4.19 4.21 -8.37
N ARG B 103 4.26 3.83 -7.12
CA ARG B 103 3.89 2.49 -6.69
C ARG B 103 2.46 2.15 -7.10
N ALA B 104 1.56 3.10 -6.86
CA ALA B 104 0.15 2.94 -7.19
C ALA B 104 -0.09 2.82 -8.71
N ALA B 105 0.68 3.56 -9.50
CA ALA B 105 0.59 3.51 -10.98
C ALA B 105 1.03 2.16 -11.53
N LEU B 106 2.06 1.58 -10.95
CA LEU B 106 2.61 0.28 -11.36
C LEU B 106 1.63 -0.86 -11.09
N LYS B 107 0.85 -0.75 -10.01
CA LYS B 107 -0.26 -1.67 -9.72
C LYS B 107 -1.39 -1.55 -10.73
N ALA B 108 -1.67 -0.33 -11.18
CA ALA B 108 -2.84 -0.06 -12.03
C ALA B 108 -2.59 -0.30 -13.52
N THR B 109 -1.36 -0.06 -13.97
CA THR B 109 -1.03 -0.18 -15.40
C THR B 109 -1.06 -1.62 -15.83
N ARG B 110 -1.57 -1.85 -17.04
CA ARG B 110 -1.54 -3.16 -17.68
C ARG B 110 -0.58 -3.23 -18.85
N ASN B 111 -0.39 -2.13 -19.58
CA ASN B 111 0.57 -2.12 -20.69
C ASN B 111 1.88 -1.36 -20.37
N ASN B 112 2.11 -0.96 -19.11
CA ASN B 112 3.33 -0.25 -18.71
C ASN B 112 3.57 1.08 -19.45
N LYS B 113 2.49 1.74 -19.85
CA LYS B 113 2.58 3.07 -20.44
C LYS B 113 1.80 4.02 -19.52
N ILE B 114 2.56 4.95 -18.94
CA ILE B 114 2.06 5.78 -17.87
C ILE B 114 2.25 7.24 -18.28
N GLY B 115 1.27 8.06 -17.91
CA GLY B 115 1.36 9.50 -18.08
C GLY B 115 1.52 10.13 -16.70
N VAL B 116 2.25 11.22 -16.63
CA VAL B 116 2.36 11.99 -15.41
C VAL B 116 1.89 13.41 -15.66
N LEU B 117 0.88 13.85 -14.90
CA LEU B 117 0.42 15.24 -14.92
C LEU B 117 0.96 16.00 -13.72
N GLY B 118 1.37 17.25 -13.93
CA GLY B 118 1.84 18.08 -12.85
C GLY B 118 2.15 19.50 -13.24
N THR B 119 2.72 20.23 -12.29
CA THR B 119 3.18 21.58 -12.50
C THR B 119 4.39 21.53 -13.42
N LEU B 120 4.68 22.66 -14.07
CA LEU B 120 5.89 22.76 -14.91
C LEU B 120 7.11 22.30 -14.12
N GLY B 121 7.21 22.73 -12.86
CA GLY B 121 8.36 22.39 -11.99
C GLY B 121 8.52 20.90 -11.68
N THR B 122 7.41 20.25 -11.31
CA THR B 122 7.43 18.82 -11.07
C THR B 122 7.87 18.02 -12.29
N VAL B 123 7.26 18.29 -13.44
CA VAL B 123 7.54 17.51 -14.65
C VAL B 123 8.97 17.77 -15.18
N GLU B 124 9.47 18.99 -14.99
CA GLU B 124 10.87 19.29 -15.30
C GLU B 124 11.86 18.58 -14.39
N SER B 125 11.49 18.35 -13.12
CA SER B 125 12.38 17.64 -12.17
C SER B 125 12.58 16.16 -12.49
N MSE B 126 11.63 15.58 -13.22
CA MSE B 126 11.65 14.15 -13.57
C MSE B 126 11.50 13.23 -12.35
O MSE B 126 11.76 12.04 -12.45
CB MSE B 126 12.91 13.77 -14.37
CG MSE B 126 13.11 14.56 -15.66
SE MSE B 126 11.66 14.33 -16.93
CE MSE B 126 12.08 12.56 -17.59
N ALA B 127 11.04 13.77 -11.23
CA ALA B 127 10.89 13.02 -9.98
C ALA B 127 10.06 11.74 -10.17
N TYR B 128 9.00 11.85 -10.96
CA TYR B 128 8.13 10.72 -11.24
C TYR B 128 8.79 9.67 -12.13
N PRO B 129 9.27 10.06 -13.31
CA PRO B 129 10.02 9.09 -14.11
C PRO B 129 11.17 8.42 -13.34
N THR B 130 11.90 9.22 -12.57
CA THR B 130 13.01 8.71 -11.76
C THR B 130 12.52 7.59 -10.83
N ALA B 131 11.43 7.88 -10.09
CA ALA B 131 10.86 6.92 -9.15
C ALA B 131 10.27 5.72 -9.90
N LEU B 132 9.57 5.98 -11.00
CA LEU B 132 8.93 4.90 -11.75
C LEU B 132 9.92 3.89 -12.28
N LYS B 133 10.98 4.38 -12.92
CA LYS B 133 12.01 3.52 -13.50
C LYS B 133 12.93 2.89 -12.42
N GLY B 134 13.02 3.48 -11.25
CA GLY B 134 13.65 2.81 -10.10
C GLY B 134 12.93 1.52 -9.70
N LEU B 135 11.63 1.43 -9.95
CA LEU B 135 10.87 0.23 -9.64
C LEU B 135 10.76 -0.72 -10.84
N ASN B 136 10.61 -0.14 -12.03
CA ASN B 136 10.42 -0.91 -13.24
C ASN B 136 11.01 -0.14 -14.42
N ARG B 137 12.10 -0.68 -14.95
CA ARG B 137 12.93 0.03 -15.93
C ARG B 137 12.34 -0.04 -17.34
N ARG B 138 11.39 -0.95 -17.56
CA ARG B 138 10.74 -1.13 -18.87
C ARG B 138 9.51 -0.24 -19.05
N VAL B 139 9.10 0.47 -18.00
CA VAL B 139 7.90 1.28 -18.06
C VAL B 139 8.14 2.53 -18.93
N GLU B 140 7.16 2.85 -19.76
CA GLU B 140 7.20 4.04 -20.61
C GLU B 140 6.45 5.13 -19.89
N VAL B 141 7.01 6.34 -19.86
CA VAL B 141 6.45 7.44 -19.09
C VAL B 141 6.41 8.70 -19.96
N ASP B 142 5.23 9.31 -20.06
CA ASP B 142 5.06 10.61 -20.73
C ASP B 142 4.66 11.66 -19.71
N SER B 143 5.33 12.80 -19.73
CA SER B 143 5.12 13.82 -18.72
C SER B 143 4.51 15.05 -19.36
N LEU B 144 3.49 15.62 -18.73
CA LEU B 144 2.77 16.76 -19.28
C LEU B 144 2.48 17.81 -18.21
N ALA B 145 3.06 19.00 -18.39
CA ALA B 145 2.75 20.13 -17.52
C ALA B 145 1.31 20.55 -17.76
N CYS B 146 0.62 20.92 -16.69
CA CYS B 146 -0.76 21.39 -16.76
C CYS B 146 -0.91 22.70 -15.95
N PRO B 147 -0.33 23.81 -16.46
CA PRO B 147 -0.25 25.06 -15.70
C PRO B 147 -1.56 25.55 -15.11
N LYS B 148 -2.67 25.36 -15.82
CA LYS B 148 -3.96 25.96 -15.41
C LYS B 148 -4.70 25.25 -14.29
N PHE B 149 -4.30 24.01 -13.99
CA PHE B 149 -5.06 23.15 -13.07
C PHE B 149 -5.07 23.63 -11.64
N VAL B 150 -3.93 24.10 -11.14
CA VAL B 150 -3.84 24.57 -9.75
C VAL B 150 -4.86 25.69 -9.48
N SER B 151 -5.01 26.64 -10.41
CA SER B 151 -6.02 27.72 -10.26
C SER B 151 -7.46 27.24 -10.41
N VAL B 152 -7.70 26.30 -11.33
CA VAL B 152 -9.05 25.76 -11.51
C VAL B 152 -9.51 25.15 -10.20
N VAL B 153 -8.58 24.50 -9.51
CA VAL B 153 -8.85 23.91 -8.21
C VAL B 153 -8.98 24.93 -7.06
N GLU B 154 -8.00 25.81 -6.87
CA GLU B 154 -8.02 26.73 -5.72
C GLU B 154 -9.21 27.67 -5.81
N SER B 155 -9.50 28.12 -7.03
CA SER B 155 -10.60 29.02 -7.27
C SER B 155 -11.98 28.37 -7.11
N GLY B 156 -12.04 27.05 -7.12
CA GLY B 156 -13.32 26.33 -7.05
C GLY B 156 -13.99 26.07 -8.40
N GLU B 157 -13.36 26.47 -9.50
CA GLU B 157 -13.92 26.21 -10.85
C GLU B 157 -13.98 24.72 -11.24
N TYR B 158 -13.24 23.87 -10.52
CA TYR B 158 -13.35 22.40 -10.68
C TYR B 158 -14.77 21.85 -10.52
N LYS B 159 -15.59 22.55 -9.74
CA LYS B 159 -17.00 22.17 -9.50
C LYS B 159 -17.94 22.37 -10.70
N SER B 160 -17.44 22.84 -11.84
CA SER B 160 -18.32 23.32 -12.91
C SER B 160 -17.88 22.94 -14.32
N ALA B 161 -18.74 23.28 -15.28
CA ALA B 161 -18.54 22.94 -16.69
C ALA B 161 -17.34 23.65 -17.30
N ILE B 162 -17.03 24.85 -16.82
CA ILE B 162 -15.80 25.54 -17.26
C ILE B 162 -14.52 24.71 -17.06
N ALA B 163 -14.49 23.86 -16.03
CA ALA B 163 -13.34 22.99 -15.76
C ALA B 163 -13.23 21.87 -16.79
N LYS B 164 -14.36 21.50 -17.36
CA LYS B 164 -14.40 20.46 -18.40
C LYS B 164 -13.60 20.85 -19.64
N LYS B 165 -13.77 22.09 -20.09
CA LYS B 165 -13.07 22.60 -21.28
C LYS B 165 -11.57 22.67 -21.04
N VAL B 166 -11.18 23.19 -19.87
CA VAL B 166 -9.77 23.33 -19.52
C VAL B 166 -9.05 21.98 -19.50
N VAL B 167 -9.71 20.96 -18.98
CA VAL B 167 -9.16 19.60 -18.92
C VAL B 167 -9.03 18.99 -20.31
N ALA B 168 -10.06 19.16 -21.15
CA ALA B 168 -10.04 18.65 -22.53
C ALA B 168 -8.92 19.29 -23.35
N GLU B 169 -8.70 20.58 -23.14
CA GLU B 169 -7.65 21.32 -23.84
C GLU B 169 -6.27 20.84 -23.42
N SER B 170 -6.05 20.78 -22.11
CA SER B 170 -4.74 20.45 -21.56
C SER B 170 -4.33 19.02 -21.83
N LEU B 171 -5.26 18.08 -21.66
CA LEU B 171 -4.94 16.66 -21.77
C LEU B 171 -5.11 16.05 -23.18
N LEU B 172 -5.36 16.89 -24.20
CA LEU B 172 -5.67 16.38 -25.55
C LEU B 172 -4.54 15.56 -26.18
N PRO B 173 -3.27 16.00 -26.05
CA PRO B 173 -2.15 15.20 -26.53
C PRO B 173 -2.19 13.73 -26.10
N LEU B 174 -2.67 13.45 -24.90
CA LEU B 174 -2.69 12.09 -24.33
C LEU B 174 -3.59 11.08 -25.06
N LYS B 175 -4.62 11.57 -25.75
CA LYS B 175 -5.54 10.70 -26.51
C LYS B 175 -4.84 10.06 -27.71
N SER B 176 -3.75 10.68 -28.19
CA SER B 176 -2.93 10.12 -29.26
C SER B 176 -1.92 9.08 -28.77
N THR B 177 -1.83 8.89 -27.45
CA THR B 177 -0.98 7.84 -26.87
C THR B 177 -1.81 6.61 -26.43
N LYS B 178 -1.09 5.54 -26.11
CA LYS B 178 -1.70 4.30 -25.61
C LYS B 178 -1.57 4.18 -24.09
N ILE B 179 -1.39 5.32 -23.41
CA ILE B 179 -1.30 5.36 -21.95
C ILE B 179 -2.53 4.69 -21.32
N ASP B 180 -2.33 3.85 -20.31
CA ASP B 180 -3.47 3.25 -19.61
C ASP B 180 -3.56 3.67 -18.14
N THR B 181 -2.62 4.51 -17.72
CA THR B 181 -2.56 4.98 -16.34
C THR B 181 -2.06 6.42 -16.32
N VAL B 182 -2.75 7.29 -15.58
CA VAL B 182 -2.33 8.68 -15.43
C VAL B 182 -2.18 9.03 -13.97
N ILE B 183 -0.98 9.45 -13.57
CA ILE B 183 -0.69 9.89 -12.19
C ILE B 183 -0.97 11.37 -12.03
N LEU B 184 -1.83 11.71 -11.08
CA LEU B 184 -2.11 13.08 -10.76
C LEU B 184 -0.94 13.52 -9.87
N GLY B 185 0.07 14.11 -10.51
CA GLY B 185 1.35 14.38 -9.83
C GLY B 185 1.43 15.77 -9.22
N CYS B 186 0.26 16.31 -8.86
CA CYS B 186 0.13 17.52 -8.07
C CYS B 186 -1.03 17.28 -7.11
N THR B 187 -0.82 17.55 -5.83
CA THR B 187 -1.79 17.25 -4.80
C THR B 187 -3.11 18.02 -4.92
N HIS B 188 -3.15 19.09 -5.72
CA HIS B 188 -4.41 19.80 -6.06
C HIS B 188 -5.28 19.00 -7.04
N TYR B 189 -4.66 18.19 -7.89
CA TYR B 189 -5.37 17.61 -9.05
C TYR B 189 -6.46 16.59 -8.74
N PRO B 190 -6.43 15.91 -7.59
CA PRO B 190 -7.54 15.00 -7.29
C PRO B 190 -8.95 15.61 -7.33
N LEU B 191 -9.09 16.89 -7.00
CA LEU B 191 -10.39 17.57 -7.15
C LEU B 191 -10.88 17.54 -8.63
N LEU B 192 -9.95 17.37 -9.58
CA LEU B 192 -10.27 17.25 -11.01
C LEU B 192 -10.37 15.79 -11.50
N LYS B 193 -10.26 14.81 -10.60
CA LYS B 193 -10.21 13.39 -11.01
C LYS B 193 -11.44 12.91 -11.80
N PRO B 194 -12.67 13.18 -11.31
CA PRO B 194 -13.86 12.75 -12.05
C PRO B 194 -13.94 13.32 -13.46
N ILE B 195 -13.56 14.59 -13.61
CA ILE B 195 -13.53 15.23 -14.91
C ILE B 195 -12.48 14.57 -15.80
N ILE B 196 -11.31 14.27 -15.22
CA ILE B 196 -10.22 13.62 -15.96
C ILE B 196 -10.59 12.19 -16.34
N GLU B 197 -11.34 11.50 -15.49
CA GLU B 197 -11.75 10.10 -15.78
C GLU B 197 -12.73 10.05 -16.94
N ASN B 198 -13.70 10.96 -16.92
CA ASN B 198 -14.68 11.08 -18.00
C ASN B 198 -14.00 11.37 -19.31
N PHE B 199 -13.04 12.30 -19.30
CA PHE B 199 -12.33 12.66 -20.52
C PHE B 199 -11.50 11.53 -21.09
N MSE B 200 -10.71 10.87 -20.23
CA MSE B 200 -9.84 9.78 -20.69
C MSE B 200 -10.62 8.49 -20.99
O MSE B 200 -10.27 7.75 -21.90
CB MSE B 200 -8.76 9.51 -19.64
CG MSE B 200 -7.83 10.69 -19.33
SE MSE B 200 -6.78 11.33 -20.86
CE MSE B 200 -6.04 9.64 -21.50
N GLY B 201 -11.66 8.22 -20.21
CA GLY B 201 -12.53 7.05 -20.45
C GLY B 201 -12.21 5.83 -19.60
N ASP B 202 -12.99 4.77 -19.76
CA ASP B 202 -12.86 3.56 -18.92
C ASP B 202 -11.50 2.87 -19.00
N GLY B 203 -10.81 3.00 -20.13
CA GLY B 203 -9.52 2.33 -20.35
C GLY B 203 -8.33 2.88 -19.56
N VAL B 204 -8.50 4.03 -18.90
CA VAL B 204 -7.42 4.70 -18.17
C VAL B 204 -7.70 4.77 -16.68
N ALA B 205 -6.77 4.24 -15.86
CA ALA B 205 -6.81 4.43 -14.41
C ALA B 205 -6.16 5.76 -14.05
N VAL B 206 -6.86 6.56 -13.25
CA VAL B 206 -6.34 7.86 -12.84
C VAL B 206 -5.94 7.75 -11.38
N ILE B 207 -4.71 8.12 -11.05
CA ILE B 207 -4.16 7.85 -9.73
C ILE B 207 -4.12 9.07 -8.82
N ASN B 208 -4.92 9.03 -7.76
CA ASN B 208 -4.82 9.96 -6.65
C ASN B 208 -3.76 9.42 -5.68
N SER B 209 -2.59 10.05 -5.68
CA SER B 209 -1.44 9.53 -4.96
C SER B 209 -1.65 9.65 -3.46
N GLY B 210 -2.67 10.39 -3.04
CA GLY B 210 -3.04 10.47 -1.64
C GLY B 210 -3.46 9.14 -1.02
N GLU B 211 -4.14 8.31 -1.81
CA GLU B 211 -4.59 7.01 -1.32
C GLU B 211 -3.45 6.08 -0.92
N GLU B 212 -2.46 5.94 -1.79
CA GLU B 212 -1.33 5.05 -1.54
C GLU B 212 -0.49 5.67 -0.44
N THR B 213 -0.34 7.00 -0.45
CA THR B 213 0.43 7.67 0.59
C THR B 213 -0.19 7.35 1.97
N ALA B 214 -1.51 7.40 2.06
CA ALA B 214 -2.17 7.16 3.32
C ALA B 214 -1.93 5.70 3.76
N SER B 215 -1.93 4.77 2.79
CA SER B 215 -1.67 3.38 3.10
C SER B 215 -0.26 3.15 3.62
N GLU B 216 0.72 3.90 3.11
CA GLU B 216 2.11 3.71 3.54
C GLU B 216 2.26 4.29 4.94
N VAL B 217 1.58 5.40 5.21
CA VAL B 217 1.51 5.96 6.55
C VAL B 217 0.97 4.91 7.51
N SER B 218 -0.10 4.23 7.09
CA SER B 218 -0.71 3.18 7.93
C SER B 218 0.28 2.03 8.15
N ALA B 219 0.96 1.63 7.06
CA ALA B 219 1.91 0.53 7.11
C ALA B 219 3.11 0.87 8.00
N LEU B 220 3.63 2.09 7.88
CA LEU B 220 4.82 2.47 8.64
C LEU B 220 4.51 2.61 10.13
N LEU B 221 3.37 3.21 10.46
CA LEU B 221 2.94 3.30 11.84
C LEU B 221 2.83 1.89 12.40
N ASP B 222 2.24 0.99 11.63
CA ASP B 222 2.06 -0.37 12.13
C ASP B 222 3.41 -1.07 12.35
N TYR B 223 4.36 -0.87 11.44
CA TYR B 223 5.69 -1.48 11.57
C TYR B 223 6.34 -1.13 12.93
N HIS B 224 6.12 0.11 13.36
CA HIS B 224 6.71 0.65 14.58
C HIS B 224 5.79 0.54 15.82
N ASN B 225 4.65 -0.12 15.67
CA ASN B 225 3.66 -0.26 16.74
C ASN B 225 3.18 1.10 17.27
N LEU B 226 2.97 2.04 16.34
CA LEU B 226 2.57 3.41 16.67
C LEU B 226 1.19 3.75 16.09
N LEU B 227 0.34 2.74 15.92
CA LEU B 227 -1.03 2.97 15.49
C LEU B 227 -1.89 3.11 16.73
N ASP B 228 -2.61 4.23 16.84
CA ASP B 228 -3.53 4.46 17.96
C ASP B 228 -4.82 3.65 17.77
N ALA B 229 -5.20 2.94 18.82
CA ALA B 229 -6.39 2.10 18.84
C ALA B 229 -7.65 2.95 19.02
N THR B 230 -7.47 4.16 19.56
CA THR B 230 -8.60 4.98 19.95
C THR B 230 -8.71 6.29 19.21
N ASP B 231 -9.94 6.78 19.23
CA ASP B 231 -10.43 7.86 18.40
C ASP B 231 -10.89 9.03 19.30
N GLU B 232 -10.97 8.79 20.61
CA GLU B 232 -11.68 9.65 21.53
C GLU B 232 -11.07 11.04 21.68
N GLU B 233 -9.74 11.11 21.75
CA GLU B 233 -9.12 12.38 22.12
C GLU B 233 -8.49 13.11 20.95
N ILE B 234 -9.07 12.98 19.77
CA ILE B 234 -8.50 13.58 18.58
C ILE B 234 -8.63 15.09 18.59
N GLU B 235 -7.51 15.76 18.35
CA GLU B 235 -7.46 17.20 18.24
C GLU B 235 -6.49 17.58 17.13
N HIS B 236 -7.05 17.71 15.93
CA HIS B 236 -6.30 18.12 14.76
C HIS B 236 -5.88 19.57 14.92
N ARG B 237 -4.75 19.94 14.32
CA ARG B 237 -4.35 21.34 14.24
C ARG B 237 -4.02 21.64 12.79
N PHE B 238 -4.49 22.78 12.29
CA PHE B 238 -4.13 23.22 10.96
C PHE B 238 -3.46 24.58 11.02
N PHE B 239 -2.26 24.70 10.43
CA PHE B 239 -1.47 25.91 10.51
C PHE B 239 -1.22 26.51 9.13
N THR B 240 -1.30 27.84 9.01
CA THR B 240 -0.91 28.49 7.75
C THR B 240 -0.10 29.76 8.00
N THR B 241 0.80 30.05 7.06
CA THR B 241 1.52 31.32 7.09
C THR B 241 0.79 32.42 6.31
N GLY B 242 -0.33 32.06 5.67
CA GLY B 242 -1.16 33.01 4.92
C GLY B 242 -2.51 33.22 5.56
N SER B 243 -3.54 33.41 4.75
CA SER B 243 -4.89 33.67 5.26
C SER B 243 -5.48 32.43 5.92
N THR B 244 -5.87 32.54 7.18
CA THR B 244 -6.57 31.45 7.85
C THR B 244 -7.94 31.27 7.22
N GLN B 245 -8.62 32.36 6.89
CA GLN B 245 -10.00 32.28 6.36
C GLN B 245 -10.07 31.61 4.98
N ILE B 246 -9.17 31.98 4.06
CA ILE B 246 -9.11 31.39 2.71
C ILE B 246 -8.85 29.89 2.76
N PHE B 247 -7.94 29.51 3.65
CA PHE B 247 -7.54 28.13 3.86
C PHE B 247 -8.70 27.33 4.47
N LYS B 248 -9.22 27.82 5.60
CA LYS B 248 -10.40 27.23 6.23
C LYS B 248 -11.51 26.99 5.21
N ASP B 249 -11.82 28.00 4.41
CA ASP B 249 -12.92 27.87 3.46
C ASP B 249 -12.74 26.72 2.50
N ILE B 250 -11.51 26.52 2.01
CA ILE B 250 -11.19 25.36 1.21
C ILE B 250 -11.20 24.07 2.05
N ALA B 251 -10.40 24.06 3.11
CA ALA B 251 -10.18 22.85 3.91
C ALA B 251 -11.46 22.23 4.47
N LYS B 252 -12.38 23.07 4.98
CA LYS B 252 -13.62 22.55 5.57
C LYS B 252 -14.55 21.88 4.56
N ASP B 253 -14.44 22.26 3.29
CA ASP B 253 -15.18 21.56 2.24
C ASP B 253 -14.52 20.20 1.95
N TRP B 254 -13.22 20.23 1.69
CA TRP B 254 -12.53 19.03 1.25
C TRP B 254 -12.49 17.95 2.32
N LEU B 255 -12.30 18.36 3.56
CA LEU B 255 -12.19 17.44 4.69
C LEU B 255 -13.51 17.21 5.40
N ASN B 256 -14.56 17.89 4.96
CA ASN B 256 -15.89 17.76 5.56
C ASN B 256 -15.81 17.94 7.08
N MSE B 257 -15.44 19.14 7.49
CA MSE B 257 -15.06 19.40 8.86
C MSE B 257 -15.44 20.84 9.17
O MSE B 257 -14.58 21.71 9.28
CB MSE B 257 -13.55 19.18 8.96
CG MSE B 257 -12.98 18.91 10.33
SE MSE B 257 -11.17 18.25 10.10
CE MSE B 257 -11.57 16.34 9.92
N PRO B 258 -16.75 21.09 9.29
CA PRO B 258 -17.25 22.45 9.47
C PRO B 258 -16.72 23.21 10.70
N ASP B 259 -16.28 22.49 11.74
CA ASP B 259 -15.91 23.16 13.01
C ASP B 259 -14.41 23.31 13.21
N MSE B 260 -13.62 23.10 12.17
CA MSE B 260 -12.17 23.17 12.32
C MSE B 260 -11.72 24.59 12.63
O MSE B 260 -12.45 25.55 12.40
CB MSE B 260 -11.47 22.68 11.05
CG MSE B 260 -11.52 23.65 9.88
SE MSE B 260 -10.79 22.85 8.30
CE MSE B 260 -8.91 22.84 8.77
N THR B 261 -10.50 24.70 13.17
CA THR B 261 -9.86 25.97 13.37
C THR B 261 -8.51 25.96 12.65
N VAL B 262 -8.18 27.09 12.05
CA VAL B 262 -6.91 27.28 11.35
C VAL B 262 -6.12 28.37 12.06
N GLU B 263 -4.88 28.06 12.44
CA GLU B 263 -4.05 28.98 13.22
C GLU B 263 -3.02 29.61 12.28
N HIS B 264 -2.86 30.92 12.36
CA HIS B 264 -1.85 31.64 11.57
C HIS B 264 -0.51 31.55 12.30
N ILE B 265 0.57 31.30 11.57
CA ILE B 265 1.91 31.23 12.17
C ILE B 265 2.92 32.03 11.37
N LYS B 266 4.06 32.26 12.00
CA LYS B 266 5.18 32.98 11.40
C LYS B 266 6.37 32.00 11.23
N LEU B 267 6.90 31.90 10.01
CA LEU B 267 8.06 31.04 9.69
C LEU B 267 9.19 31.85 9.04
N GLY B 268 10.42 31.61 9.50
CA GLY B 268 11.62 32.21 8.88
C GLY B 268 11.69 33.72 9.04
N LYS B 269 12.54 34.35 8.22
CA LYS B 269 12.62 35.82 8.16
C LYS B 269 11.33 36.38 7.52
CL CL C . -3.22 -19.73 7.52
CL CL D . -7.89 -25.29 9.37
C37 JEF E . 8.33 -8.35 20.28
C36 JEF E . 7.85 -6.91 20.15
O11 JEF E . 6.54 -6.89 19.58
C33 JEF E . 5.88 -5.62 19.64
C32 JEF E . 4.48 -5.73 19.03
O10 JEF E . 3.46 -5.44 19.99
C19 JEF E . 2.18 -6.01 19.66
C20 JEF E . 1.05 -5.26 20.37
O JEF E . 0.94 -5.69 21.74
C37 JEF F . -6.23 -25.79 -15.32
C36 JEF F . -4.99 -26.35 -14.61
O11 JEF F . -5.25 -26.75 -13.23
C33 JEF F . -4.33 -27.78 -12.78
C32 JEF F . -3.75 -27.48 -11.39
O10 JEF F . -2.49 -28.18 -11.22
C19 JEF F . -2.49 -29.29 -10.30
C20 JEF F . -1.95 -30.55 -10.98
CL CL G . 2.10 18.98 -5.50
C37 JEF H . 11.59 4.72 14.85
C36 JEF H . 11.65 5.48 13.54
O11 JEF H . 12.11 4.65 12.45
C33 JEF H . 11.92 5.27 11.16
C32 JEF H . 12.18 4.29 10.01
O10 JEF H . 10.96 4.01 9.34
C19 JEF H . 11.04 2.91 8.41
C20 JEF H . 10.67 1.62 9.10
O JEF H . 11.25 0.46 8.47
C JEF H . 10.86 -0.77 9.11
C17 JEF H . 12.02 -1.75 9.10
OH JEF H . 13.19 -1.23 8.46
C2 JEF H . 14.38 -1.70 9.12
C3 JEF H . 15.63 -1.52 8.23
O2 JEF H . 16.81 -0.88 8.83
C5 JEF H . 16.77 -0.61 10.25
C4 JEF H . 17.99 0.14 10.73
#